data_1BQY
#
_entry.id   1BQY
#
_cell.length_a   45.290
_cell.length_b   67.420
_cell.length_c   163.670
_cell.angle_alpha   90.00
_cell.angle_beta   90.00
_cell.angle_gamma   90.00
#
_symmetry.space_group_name_H-M   'P 21 21 21'
#
loop_
_entity.id
_entity.type
_entity.pdbx_description
1 polymer 'PLASMINOGEN ACTIVATOR'
2 non-polymer L-alpha-glutamyl-N-{(1S)-4-{[amino(iminio)methyl]amino}-1-[(1S)-2-chloro-1-hydroxyethyl]butyl}glycinamide
3 water water
#
_entity_poly.entity_id   1
_entity_poly.type   'polypeptide(L)'
_entity_poly.pdbx_seq_one_letter_code
;VFGGDECNINEHRSLVVLFNSNGFLCGGTLINQDWVVTAAHCDSNNFQLLFGVHSKKILNEDEQTRDPKEKFFCPNRKKD
DEVDKDIMLIKLDSSVSNSEHIAPLSLPSSPPSVGSVCRIMGWGKTIPTKEIYPDVPHCANINILDHAVCRTAYSWRQVA
NTTLCAGILQGGRDTCHFDSGGPLICNGIFQGIVSWGGHPCGQPGEPGVYTKVFDYLDWIKSIIAGNKDATCPP
;
_entity_poly.pdbx_strand_id   A,B
#
loop_
_chem_comp.id
_chem_comp.type
_chem_comp.name
_chem_comp.formula
0GJ peptide-like L-alpha-glutamyl-N-{(1S)-4-{[amino(iminio)methyl]amino}-1-[(1S)-2-chloro-1-hydroxyethyl]butyl}glycinamide 'C14 H28 Cl N6 O5 1'
#
# COMPACT_ATOMS: atom_id res chain seq x y z
N VAL A 1 -43.47 20.43 10.40
CA VAL A 1 -44.52 20.22 11.41
C VAL A 1 -44.91 21.59 11.96
N PHE A 2 -46.19 21.93 11.81
CA PHE A 2 -46.76 23.20 12.24
C PHE A 2 -47.25 23.05 13.69
N GLY A 3 -46.91 24.02 14.54
CA GLY A 3 -47.34 23.97 15.92
C GLY A 3 -46.52 23.15 16.89
N GLY A 4 -45.29 22.80 16.50
CA GLY A 4 -44.45 22.03 17.38
C GLY A 4 -43.24 22.79 17.91
N ASP A 5 -42.23 22.04 18.33
CA ASP A 5 -40.99 22.58 18.86
C ASP A 5 -39.90 21.67 18.32
N GLU A 6 -38.64 22.02 18.54
CA GLU A 6 -37.52 21.21 18.08
C GLU A 6 -37.56 19.90 18.83
N CYS A 7 -37.46 18.79 18.11
CA CYS A 7 -37.48 17.49 18.75
C CYS A 7 -36.27 17.35 19.63
N ASN A 8 -36.39 16.51 20.65
CA ASN A 8 -35.28 16.25 21.53
C ASN A 8 -34.35 15.39 20.68
N ILE A 9 -33.05 15.59 20.85
CA ILE A 9 -32.07 14.87 20.06
C ILE A 9 -32.11 13.35 20.18
N ASN A 10 -32.71 12.81 21.24
CA ASN A 10 -32.78 11.34 21.44
C ASN A 10 -34.16 10.76 21.22
N GLU A 11 -35.18 11.61 21.10
CA GLU A 11 -36.54 11.12 20.93
C GLU A 11 -36.92 10.71 19.51
N HIS A 12 -35.99 10.77 18.57
CA HIS A 12 -36.34 10.39 17.20
C HIS A 12 -35.34 9.45 16.53
N ARG A 13 -34.79 8.50 17.30
CA ARG A 13 -33.80 7.55 16.82
C ARG A 13 -34.19 6.63 15.66
N SER A 14 -35.44 6.68 15.22
CA SER A 14 -35.88 5.83 14.10
C SER A 14 -36.26 6.61 12.82
N LEU A 15 -36.18 7.94 12.90
CA LEU A 15 -36.51 8.85 11.80
C LEU A 15 -35.41 8.85 10.73
N VAL A 16 -35.77 8.44 9.52
CA VAL A 16 -34.83 8.37 8.41
C VAL A 16 -35.06 9.56 7.46
N VAL A 17 -34.02 9.99 6.76
CA VAL A 17 -34.09 11.09 5.82
C VAL A 17 -33.88 10.51 4.44
N LEU A 18 -34.78 10.80 3.49
CA LEU A 18 -34.59 10.35 2.11
C LEU A 18 -34.20 11.63 1.37
N PHE A 19 -33.14 11.57 0.57
CA PHE A 19 -32.67 12.74 -0.16
C PHE A 19 -31.99 12.30 -1.46
N ASN A 20 -31.74 13.24 -2.36
CA ASN A 20 -31.05 12.93 -3.61
C ASN A 20 -30.25 14.14 -4.05
N SER A 21 -29.75 14.11 -5.29
CA SER A 21 -28.97 15.23 -5.80
C SER A 21 -29.73 16.53 -5.69
N ASN A 22 -31.05 16.48 -5.86
CA ASN A 22 -31.91 17.68 -5.78
C ASN A 22 -32.29 18.09 -4.36
N GLY A 23 -31.76 17.38 -3.37
CA GLY A 23 -32.05 17.71 -1.99
C GLY A 23 -32.95 16.76 -1.23
N PHE A 24 -33.50 17.28 -0.14
CA PHE A 24 -34.40 16.56 0.75
C PHE A 24 -35.71 16.12 0.06
N LEU A 25 -36.15 14.90 0.34
CA LEU A 25 -37.37 14.39 -0.27
C LEU A 25 -38.46 14.09 0.73
N CYS A 26 -38.15 13.24 1.71
CA CYS A 26 -39.11 12.81 2.71
C CYS A 26 -38.44 12.18 3.90
N GLY A 27 -39.27 11.74 4.83
CA GLY A 27 -38.80 11.05 6.01
C GLY A 27 -39.11 9.57 5.83
N GLY A 28 -38.72 8.75 6.79
CA GLY A 28 -38.95 7.32 6.73
C GLY A 28 -38.82 6.73 8.12
N THR A 29 -39.11 5.44 8.27
CA THR A 29 -39.03 4.77 9.55
C THR A 29 -38.24 3.49 9.44
N LEU A 30 -37.25 3.33 10.31
CA LEU A 30 -36.42 2.12 10.34
C LEU A 30 -37.15 1.17 11.29
N ILE A 31 -37.56 0.01 10.78
CA ILE A 31 -38.30 -0.96 11.60
C ILE A 31 -37.48 -2.15 12.08
N ASN A 32 -36.36 -2.38 11.42
CA ASN A 32 -35.44 -3.44 11.80
C ASN A 32 -34.09 -3.01 11.18
N GLN A 33 -33.04 -3.80 11.34
CA GLN A 33 -31.74 -3.39 10.81
C GLN A 33 -31.55 -3.43 9.30
N ASP A 34 -32.57 -3.84 8.54
CA ASP A 34 -32.46 -3.91 7.08
C ASP A 34 -33.57 -3.28 6.28
N TRP A 35 -34.62 -2.77 6.94
CA TRP A 35 -35.77 -2.23 6.21
C TRP A 35 -36.25 -0.89 6.66
N VAL A 36 -36.73 -0.11 5.69
CA VAL A 36 -37.28 1.22 5.95
C VAL A 36 -38.66 1.38 5.31
N VAL A 37 -39.58 1.92 6.09
CA VAL A 37 -40.95 2.16 5.64
C VAL A 37 -41.12 3.66 5.44
N THR A 38 -41.78 4.04 4.37
CA THR A 38 -42.00 5.43 4.04
C THR A 38 -43.23 5.46 3.17
N ALA A 39 -43.53 6.62 2.59
CA ALA A 39 -44.70 6.77 1.73
C ALA A 39 -44.39 6.49 0.28
N ALA A 40 -45.36 5.90 -0.42
CA ALA A 40 -45.15 5.57 -1.82
C ALA A 40 -44.94 6.80 -2.68
N HIS A 41 -45.58 7.92 -2.32
CA HIS A 41 -45.43 9.16 -3.11
C HIS A 41 -44.06 9.84 -2.99
N CYS A 42 -43.21 9.32 -2.10
CA CYS A 42 -41.85 9.84 -1.89
C CYS A 42 -40.82 9.20 -2.78
N ASP A 43 -41.26 8.24 -3.59
CA ASP A 43 -40.35 7.54 -4.47
C ASP A 43 -39.68 8.48 -5.46
N SER A 44 -38.44 8.14 -5.85
CA SER A 44 -37.69 8.92 -6.82
C SER A 44 -36.78 7.92 -7.50
N ASN A 45 -36.34 8.24 -8.72
CA ASN A 45 -35.47 7.36 -9.50
C ASN A 45 -34.31 6.89 -8.67
N ASN A 46 -33.58 7.85 -8.14
CA ASN A 46 -32.43 7.56 -7.31
C ASN A 46 -32.54 8.43 -6.08
N PHE A 47 -32.10 7.88 -4.96
CA PHE A 47 -32.07 8.58 -3.69
C PHE A 47 -31.27 7.77 -2.66
N GLN A 48 -30.94 8.38 -1.55
CA GLN A 48 -30.20 7.70 -0.51
C GLN A 48 -30.92 7.94 0.80
N LEU A 49 -30.58 7.14 1.79
CA LEU A 49 -31.21 7.24 3.08
C LEU A 49 -30.16 7.59 4.11
N LEU A 50 -30.47 8.58 4.95
CA LEU A 50 -29.59 9.04 6.02
C LEU A 50 -30.19 8.77 7.39
N PHE A 51 -29.39 8.13 8.25
CA PHE A 51 -29.78 7.75 9.60
C PHE A 51 -29.01 8.54 10.64
N GLY A 52 -29.63 8.72 11.81
CA GLY A 52 -29.02 9.43 12.92
C GLY A 52 -28.88 10.92 12.79
N VAL A 53 -29.75 11.56 12.00
CA VAL A 53 -29.67 12.99 11.75
C VAL A 53 -30.49 13.87 12.68
N HIS A 54 -29.88 14.95 13.20
CA HIS A 54 -30.61 15.91 14.02
C HIS A 54 -30.45 17.25 13.32
N SER A 55 -29.33 17.93 13.54
CA SER A 55 -29.14 19.19 12.87
C SER A 55 -28.51 18.89 11.52
N LYS A 56 -28.79 19.74 10.55
CA LYS A 56 -28.24 19.60 9.22
C LYS A 56 -26.92 20.37 9.15
N LYS A 57 -26.77 21.37 10.01
CA LYS A 57 -25.57 22.19 10.02
C LYS A 57 -24.48 21.61 10.92
N ILE A 58 -24.89 21.18 12.11
CA ILE A 58 -23.97 20.59 13.08
C ILE A 58 -24.25 19.09 13.13
N LEU A 59 -23.46 18.32 12.38
CA LEU A 59 -23.63 16.87 12.28
C LEU A 59 -23.37 16.02 13.52
N ASN A 60 -24.02 14.86 13.57
CA ASN A 60 -23.85 13.90 14.64
C ASN A 60 -22.68 12.99 14.24
N GLU A 61 -21.85 12.61 15.20
CA GLU A 61 -20.71 11.77 14.90
C GLU A 61 -21.05 10.33 14.62
N ASP A 62 -22.35 9.99 14.58
CA ASP A 62 -22.77 8.60 14.33
C ASP A 62 -23.78 8.36 13.18
N GLU A 63 -23.89 9.29 12.25
CA GLU A 63 -24.80 9.18 11.11
C GLU A 63 -24.33 8.07 10.17
N GLN A 64 -25.29 7.45 9.48
CA GLN A 64 -25.04 6.37 8.53
C GLN A 64 -25.78 6.66 7.24
N THR A 65 -25.26 6.16 6.13
CA THR A 65 -25.86 6.38 4.83
C THR A 65 -25.96 5.05 4.11
N ARG A 66 -27.05 4.85 3.38
CA ARG A 66 -27.22 3.60 2.67
C ARG A 66 -28.01 3.92 1.41
N ASP A 67 -28.00 3.01 0.46
CA ASP A 67 -28.73 3.20 -0.77
C ASP A 67 -29.85 2.18 -0.79
N PRO A 68 -30.99 2.53 -1.39
CA PRO A 68 -32.09 1.58 -1.44
C PRO A 68 -31.76 0.45 -2.40
N LYS A 69 -31.63 -0.76 -1.88
CA LYS A 69 -31.34 -1.93 -2.74
C LYS A 69 -32.61 -2.43 -3.42
N GLU A 70 -33.73 -2.40 -2.70
CA GLU A 70 -35.05 -2.82 -3.22
C GLU A 70 -36.17 -1.94 -2.71
N LYS A 71 -37.18 -1.73 -3.55
CA LYS A 71 -38.32 -0.90 -3.21
C LYS A 71 -39.59 -1.68 -3.56
N PHE A 72 -40.56 -1.71 -2.63
CA PHE A 72 -41.82 -2.43 -2.84
C PHE A 72 -43.03 -1.55 -2.60
N PHE A 73 -44.01 -1.66 -3.51
CA PHE A 73 -45.28 -0.91 -3.45
C PHE A 73 -46.39 -1.95 -3.51
N CYS A 74 -47.62 -1.53 -3.20
CA CYS A 74 -48.73 -2.47 -3.25
C CYS A 74 -48.95 -2.78 -4.73
N PRO A 75 -49.13 -4.08 -5.05
CA PRO A 75 -49.36 -4.48 -6.44
C PRO A 75 -50.66 -3.93 -6.98
N ASN A 76 -51.63 -3.73 -6.08
CA ASN A 76 -52.97 -3.26 -6.40
C ASN A 76 -53.23 -1.75 -6.24
N ARG A 77 -52.15 -0.97 -6.25
CA ARG A 77 -52.24 0.46 -6.08
C ARG A 77 -52.69 1.20 -7.33
N LYS A 78 -53.57 2.18 -7.17
CA LYS A 78 -54.07 2.99 -8.28
C LYS A 78 -52.99 3.86 -8.91
N LYS A 79 -52.82 3.66 -10.21
CA LYS A 79 -51.83 4.39 -11.01
C LYS A 79 -51.87 5.92 -10.92
N ASP A 80 -53.06 6.51 -11.08
CA ASP A 80 -53.21 7.98 -11.06
C ASP A 80 -53.24 8.68 -9.69
N ASP A 81 -53.86 8.04 -8.71
CA ASP A 81 -53.97 8.60 -7.37
C ASP A 81 -52.68 8.37 -6.60
N GLU A 82 -51.84 9.39 -6.62
CA GLU A 82 -50.53 9.41 -5.95
C GLU A 82 -50.53 8.98 -4.47
N VAL A 83 -51.62 9.24 -3.76
CA VAL A 83 -51.71 8.88 -2.35
C VAL A 83 -52.59 7.66 -2.09
N ASP A 84 -52.82 6.84 -3.09
CA ASP A 84 -53.60 5.64 -2.90
C ASP A 84 -52.62 4.62 -2.35
N LYS A 85 -52.97 4.01 -1.22
CA LYS A 85 -52.12 3.01 -0.58
C LYS A 85 -50.69 3.53 -0.42
N ASP A 86 -50.56 4.68 0.27
CA ASP A 86 -49.27 5.35 0.47
C ASP A 86 -48.30 4.62 1.40
N ILE A 87 -47.66 3.58 0.87
CA ILE A 87 -46.71 2.80 1.66
C ILE A 87 -45.69 2.20 0.71
N MET A 88 -44.43 2.22 1.13
CA MET A 88 -43.32 1.69 0.35
C MET A 88 -42.27 1.08 1.30
N LEU A 89 -41.84 -0.13 1.02
CA LEU A 89 -40.83 -0.81 1.84
C LEU A 89 -39.49 -0.69 1.11
N ILE A 90 -38.44 -0.27 1.82
CA ILE A 90 -37.12 -0.13 1.22
C ILE A 90 -36.14 -1.08 1.89
N LYS A 91 -35.63 -2.02 1.11
CA LYS A 91 -34.63 -3.00 1.59
C LYS A 91 -33.26 -2.35 1.40
N LEU A 92 -32.56 -2.11 2.51
CA LEU A 92 -31.24 -1.47 2.47
C LEU A 92 -30.16 -2.31 1.83
N ASP A 93 -29.18 -1.63 1.22
CA ASP A 93 -28.07 -2.33 0.58
C ASP A 93 -27.11 -2.92 1.62
N SER A 94 -27.26 -2.50 2.87
CA SER A 94 -26.41 -2.95 3.95
C SER A 94 -27.08 -2.60 5.27
N SER A 95 -27.04 -3.54 6.22
CA SER A 95 -27.65 -3.37 7.52
C SER A 95 -27.12 -2.19 8.32
N VAL A 96 -28.03 -1.58 9.08
CA VAL A 96 -27.69 -0.45 9.95
C VAL A 96 -27.82 -0.98 11.39
N SER A 97 -26.81 -0.70 12.20
CA SER A 97 -26.81 -1.16 13.58
C SER A 97 -27.15 -0.03 14.53
N ASN A 98 -27.69 -0.40 15.68
CA ASN A 98 -28.08 0.56 16.69
C ASN A 98 -26.90 1.37 17.18
N SER A 99 -27.17 2.60 17.57
CA SER A 99 -26.15 3.49 18.09
C SER A 99 -26.88 4.54 18.91
N GLU A 100 -26.14 5.54 19.38
CA GLU A 100 -26.70 6.61 20.20
C GLU A 100 -27.89 7.34 19.61
N HIS A 101 -27.89 7.50 18.29
CA HIS A 101 -28.95 8.23 17.61
C HIS A 101 -29.65 7.41 16.55
N ILE A 102 -29.54 6.09 16.62
CA ILE A 102 -30.17 5.19 15.66
C ILE A 102 -30.75 3.99 16.40
N ALA A 103 -31.96 3.60 16.02
CA ALA A 103 -32.67 2.47 16.61
C ALA A 103 -33.98 2.27 15.84
N PRO A 104 -34.45 1.02 15.73
CA PRO A 104 -35.69 0.73 15.01
C PRO A 104 -36.96 0.94 15.82
N LEU A 105 -38.07 1.02 15.12
CA LEU A 105 -39.38 1.17 15.74
C LEU A 105 -40.11 -0.16 15.55
N SER A 106 -40.80 -0.62 16.59
CA SER A 106 -41.54 -1.88 16.52
C SER A 106 -42.89 -1.68 15.84
N LEU A 107 -43.32 -2.72 15.14
CA LEU A 107 -44.59 -2.70 14.45
C LEU A 107 -45.69 -2.80 15.50
N PRO A 108 -46.90 -2.31 15.17
CA PRO A 108 -47.97 -2.38 16.15
C PRO A 108 -48.55 -3.80 16.28
N SER A 109 -49.10 -4.08 17.45
CA SER A 109 -49.74 -5.35 17.73
C SER A 109 -51.25 -5.12 17.53
N SER A 110 -51.71 -3.93 17.90
CA SER A 110 -53.10 -3.51 17.78
C SER A 110 -53.14 -2.06 17.32
N PRO A 111 -54.29 -1.58 16.80
CA PRO A 111 -54.45 -0.20 16.33
C PRO A 111 -54.77 0.81 17.44
N PRO A 112 -54.51 2.11 17.20
CA PRO A 112 -54.78 3.13 18.22
C PRO A 112 -56.27 3.48 18.32
N SER A 113 -56.70 3.76 19.54
CA SER A 113 -58.08 4.11 19.78
C SER A 113 -58.32 5.60 19.48
N VAL A 114 -59.54 5.93 19.08
CA VAL A 114 -59.91 7.30 18.80
C VAL A 114 -59.67 8.11 20.09
N GLY A 115 -58.88 9.18 19.97
CA GLY A 115 -58.58 10.00 21.12
C GLY A 115 -57.20 9.79 21.71
N SER A 116 -56.46 8.78 21.25
CA SER A 116 -55.12 8.56 21.79
C SER A 116 -54.19 9.70 21.37
N VAL A 117 -53.22 10.02 22.23
CA VAL A 117 -52.26 11.08 21.93
C VAL A 117 -51.06 10.44 21.21
N CYS A 118 -50.67 11.04 20.08
CA CYS A 118 -49.54 10.55 19.28
C CYS A 118 -48.58 11.68 18.92
N ARG A 119 -47.36 11.30 18.53
CA ARG A 119 -46.28 12.21 18.13
C ARG A 119 -46.06 12.21 16.62
N ILE A 120 -45.93 13.39 16.02
CA ILE A 120 -45.60 13.52 14.58
C ILE A 120 -44.24 14.22 14.60
N MET A 121 -43.41 13.97 13.58
CA MET A 121 -42.06 14.55 13.52
C MET A 121 -41.51 14.63 12.09
N GLY A 122 -40.76 15.71 11.80
CA GLY A 122 -40.18 15.86 10.47
C GLY A 122 -39.49 17.20 10.28
N TRP A 123 -38.88 17.39 9.11
CA TRP A 123 -38.17 18.62 8.74
C TRP A 123 -38.99 19.40 7.72
N GLY A 124 -40.29 19.19 7.71
CA GLY A 124 -41.15 19.88 6.76
C GLY A 124 -41.51 21.28 7.20
N LYS A 125 -42.30 21.96 6.35
CA LYS A 125 -42.75 23.32 6.63
C LYS A 125 -43.24 23.53 8.06
N THR A 126 -42.88 24.67 8.62
CA THR A 126 -43.28 25.06 9.97
C THR A 126 -44.25 26.23 9.88
N ILE A 127 -44.27 26.91 8.73
CA ILE A 127 -45.17 28.03 8.50
C ILE A 127 -46.02 27.54 7.35
N PRO A 128 -47.35 27.48 7.54
CA PRO A 128 -48.30 27.01 6.52
C PRO A 128 -48.15 27.47 5.07
N THR A 129 -47.77 28.72 4.88
CA THR A 129 -47.66 29.31 3.55
C THR A 129 -46.26 29.62 3.02
N LYS A 130 -45.34 29.89 3.94
CA LYS A 130 -43.97 30.22 3.62
C LYS A 130 -43.13 28.97 3.38
N GLU A 131 -42.15 29.09 2.49
CA GLU A 131 -41.26 27.97 2.16
C GLU A 131 -40.03 27.97 3.07
N ILE A 132 -40.28 28.07 4.37
CA ILE A 132 -39.23 28.09 5.37
C ILE A 132 -39.15 26.73 6.06
N TYR A 133 -38.00 26.07 5.95
CA TYR A 133 -37.78 24.76 6.55
C TYR A 133 -36.76 24.77 7.70
N PRO A 134 -36.98 23.91 8.72
CA PRO A 134 -36.10 23.83 9.89
C PRO A 134 -34.77 23.19 9.59
N ASP A 135 -33.90 23.34 10.58
CA ASP A 135 -32.58 22.76 10.51
C ASP A 135 -32.59 21.47 11.31
N VAL A 136 -33.42 21.46 12.35
CA VAL A 136 -33.61 20.29 13.20
C VAL A 136 -35.08 19.88 12.99
N PRO A 137 -35.41 18.61 13.24
CA PRO A 137 -36.80 18.19 13.07
C PRO A 137 -37.68 18.74 14.18
N HIS A 138 -38.95 19.00 13.86
CA HIS A 138 -39.91 19.52 14.83
C HIS A 138 -40.87 18.43 15.25
N CYS A 139 -41.22 18.44 16.53
CA CYS A 139 -42.13 17.45 17.09
C CYS A 139 -43.39 18.08 17.66
N ALA A 140 -44.52 17.42 17.46
CA ALA A 140 -45.78 17.93 18.00
C ALA A 140 -46.70 16.76 18.31
N ASN A 141 -47.51 16.92 19.34
CA ASN A 141 -48.47 15.89 19.72
C ASN A 141 -49.80 16.21 19.07
N ILE A 142 -50.50 15.18 18.59
CA ILE A 142 -51.81 15.36 18.00
C ILE A 142 -52.62 14.18 18.45
N ASN A 143 -53.93 14.23 18.22
CA ASN A 143 -54.79 13.13 18.67
C ASN A 143 -55.36 12.34 17.53
N ILE A 144 -55.75 11.10 17.84
CA ILE A 144 -56.41 10.25 16.86
C ILE A 144 -57.89 10.70 16.87
N LEU A 145 -58.40 11.02 15.70
CA LEU A 145 -59.77 11.48 15.55
C LEU A 145 -60.62 10.43 14.88
N ASP A 146 -61.93 10.61 15.00
CA ASP A 146 -62.89 9.72 14.40
C ASP A 146 -62.71 9.83 12.89
N HIS A 147 -62.63 8.70 12.21
CA HIS A 147 -62.42 8.69 10.78
C HIS A 147 -63.45 9.48 9.96
N ALA A 148 -64.64 9.68 10.50
CA ALA A 148 -65.69 10.41 9.78
C ALA A 148 -65.36 11.88 9.60
N VAL A 149 -64.64 12.45 10.57
CA VAL A 149 -64.23 13.86 10.54
C VAL A 149 -63.45 14.09 9.24
N CYS A 150 -62.55 13.17 8.92
CA CYS A 150 -61.77 13.27 7.70
C CYS A 150 -62.63 12.98 6.47
N ARG A 151 -63.45 11.93 6.53
CA ARG A 151 -64.31 11.56 5.41
C ARG A 151 -65.15 12.73 4.95
N THR A 152 -65.65 13.49 5.92
CA THR A 152 -66.47 14.67 5.65
C THR A 152 -65.67 15.93 5.36
N ALA A 153 -64.48 16.07 5.96
CA ALA A 153 -63.63 17.22 5.72
C ALA A 153 -63.12 17.23 4.28
N TYR A 154 -62.92 16.04 3.71
CA TYR A 154 -62.43 15.89 2.34
C TYR A 154 -63.44 15.10 1.49
N SER A 155 -64.67 15.58 1.49
CA SER A 155 -65.78 14.94 0.77
C SER A 155 -65.62 14.82 -0.76
N TRP A 156 -64.85 15.73 -1.35
CA TRP A 156 -64.63 15.72 -2.80
C TRP A 156 -63.83 14.51 -3.29
N ARG A 157 -63.21 13.78 -2.36
CA ARG A 157 -62.45 12.60 -2.71
C ARG A 157 -62.68 11.52 -1.68
N GLN A 158 -62.19 10.32 -1.97
CA GLN A 158 -62.37 9.20 -1.04
C GLN A 158 -61.19 8.97 -0.09
N VAL A 159 -61.51 9.01 1.20
CA VAL A 159 -60.53 8.80 2.25
C VAL A 159 -60.63 7.33 2.62
N ALA A 160 -59.67 6.53 2.16
CA ALA A 160 -59.64 5.09 2.43
C ALA A 160 -59.79 4.72 3.91
N ASN A 161 -60.19 3.49 4.16
CA ASN A 161 -60.37 3.04 5.54
C ASN A 161 -59.09 2.53 6.16
N THR A 162 -58.10 2.28 5.31
CA THR A 162 -56.79 1.80 5.73
C THR A 162 -55.93 3.00 6.13
N THR A 163 -56.56 4.02 6.68
CA THR A 163 -55.87 5.23 7.08
C THR A 163 -56.38 5.75 8.45
N LEU A 164 -55.52 6.52 9.13
CA LEU A 164 -55.87 7.11 10.41
C LEU A 164 -56.11 8.62 10.19
N CYS A 165 -57.07 9.17 10.90
CA CYS A 165 -57.42 10.58 10.77
C CYS A 165 -56.91 11.23 12.05
N ALA A 166 -55.86 12.05 11.96
CA ALA A 166 -55.28 12.64 13.17
C ALA A 166 -54.99 14.13 13.10
N GLY A 167 -54.92 14.77 14.26
CA GLY A 167 -54.63 16.19 14.27
C GLY A 167 -55.28 16.88 15.45
N ILE A 168 -55.67 18.13 15.25
CA ILE A 168 -56.31 18.92 16.28
C ILE A 168 -57.50 19.52 15.56
N LEU A 169 -58.69 19.36 16.14
CA LEU A 169 -59.93 19.86 15.55
C LEU A 169 -59.96 21.33 15.12
N GLN A 170 -59.35 22.19 15.92
CA GLN A 170 -59.30 23.62 15.60
C GLN A 170 -58.01 24.02 14.87
N GLY A 171 -57.24 23.02 14.43
CA GLY A 171 -56.00 23.26 13.71
C GLY A 171 -54.91 23.79 14.60
N GLY A 172 -53.86 24.35 14.01
CA GLY A 172 -52.78 24.90 14.81
C GLY A 172 -51.59 23.99 14.96
N ARG A 173 -51.80 22.70 14.67
CA ARG A 173 -50.77 21.66 14.74
C ARG A 173 -51.12 20.64 13.67
N ASP A 174 -50.17 20.31 12.80
CA ASP A 174 -50.43 19.38 11.70
C ASP A 174 -49.13 19.12 10.96
N THR A 175 -49.03 18.01 10.24
CA THR A 175 -47.84 17.76 9.41
C THR A 175 -48.01 18.57 8.13
N CYS A 176 -46.92 18.92 7.48
CA CYS A 176 -46.99 19.73 6.28
C CYS A 176 -46.11 19.17 5.19
N HIS A 177 -46.04 19.89 4.08
CA HIS A 177 -45.23 19.50 2.94
C HIS A 177 -43.81 19.17 3.40
N PHE A 178 -43.33 18.02 2.93
CA PHE A 178 -42.01 17.49 3.23
C PHE A 178 -41.93 16.72 4.54
N ASP A 179 -43.07 16.56 5.22
CA ASP A 179 -43.13 15.78 6.46
C ASP A 179 -43.51 14.34 6.11
N SER A 180 -43.93 14.13 4.85
CA SER A 180 -44.35 12.83 4.35
C SER A 180 -43.38 11.69 4.64
N GLY A 181 -43.94 10.49 4.79
CA GLY A 181 -43.13 9.31 5.05
C GLY A 181 -42.74 9.13 6.49
N GLY A 182 -42.83 10.21 7.27
CA GLY A 182 -42.47 10.14 8.68
C GLY A 182 -43.46 9.38 9.54
N PRO A 183 -43.02 8.89 10.70
CA PRO A 183 -43.92 8.13 11.56
C PRO A 183 -44.87 8.94 12.45
N LEU A 184 -46.04 8.35 12.70
CA LEU A 184 -47.04 8.87 13.62
C LEU A 184 -46.84 7.84 14.72
N ILE A 185 -46.46 8.25 15.92
CA ILE A 185 -46.18 7.28 16.97
C ILE A 185 -47.12 7.49 18.15
N CYS A 186 -47.77 6.41 18.58
CA CYS A 186 -48.70 6.49 19.71
C CYS A 186 -48.23 5.52 20.76
N ASN A 187 -47.90 6.05 21.94
CA ASN A 187 -47.40 5.24 23.05
C ASN A 187 -46.16 4.41 22.66
N GLY A 188 -45.26 5.01 21.89
CA GLY A 188 -44.05 4.32 21.47
C GLY A 188 -44.19 3.28 20.38
N ILE A 189 -45.37 3.17 19.79
CA ILE A 189 -45.60 2.20 18.73
C ILE A 189 -45.73 2.92 17.39
N PHE A 190 -45.29 2.24 16.34
CA PHE A 190 -45.36 2.76 14.99
C PHE A 190 -46.80 2.53 14.54
N GLN A 191 -47.59 3.60 14.42
CA GLN A 191 -49.00 3.46 14.05
C GLN A 191 -49.44 3.98 12.68
N GLY A 192 -48.77 5.03 12.19
CA GLY A 192 -49.10 5.58 10.88
C GLY A 192 -47.93 6.18 10.10
N ILE A 193 -48.14 6.44 8.83
CA ILE A 193 -47.11 7.01 7.97
C ILE A 193 -47.71 8.30 7.42
N VAL A 194 -47.09 9.45 7.65
CA VAL A 194 -47.61 10.72 7.12
C VAL A 194 -47.91 10.60 5.61
N SER A 195 -49.17 10.83 5.22
CA SER A 195 -49.58 10.70 3.81
C SER A 195 -50.06 12.01 3.15
N TRP A 196 -51.16 12.59 3.61
CA TRP A 196 -51.66 13.85 3.02
C TRP A 196 -52.60 14.66 3.91
N GLY A 197 -53.10 15.79 3.40
CA GLY A 197 -53.99 16.66 4.19
C GLY A 197 -54.51 17.93 3.51
N GLY A 198 -54.79 18.95 4.33
CA GLY A 198 -55.29 20.21 3.81
C GLY A 198 -54.30 21.16 3.16
N HIS A 199 -54.82 22.29 2.65
CA HIS A 199 -54.07 23.34 1.97
C HIS A 199 -54.34 24.76 2.49
N PRO A 200 -53.44 25.30 3.34
CA PRO A 200 -52.22 24.67 3.81
C PRO A 200 -52.55 23.75 4.97
N CYS A 201 -51.52 23.29 5.66
CA CYS A 201 -51.69 22.42 6.79
C CYS A 201 -52.12 23.28 8.00
N GLY A 202 -52.59 22.62 9.05
CA GLY A 202 -52.97 23.32 10.26
C GLY A 202 -54.24 24.11 10.30
N GLN A 203 -55.02 24.08 9.22
CA GLN A 203 -56.29 24.80 9.20
C GLN A 203 -57.28 24.07 10.09
N PRO A 204 -58.18 24.82 10.72
CA PRO A 204 -59.16 24.16 11.60
C PRO A 204 -60.12 23.31 10.78
N GLY A 205 -60.53 22.17 11.34
CA GLY A 205 -61.46 21.27 10.66
C GLY A 205 -60.89 20.43 9.52
N GLU A 206 -59.59 20.50 9.31
CA GLU A 206 -58.96 19.72 8.25
C GLU A 206 -57.76 18.95 8.79
N PRO A 207 -58.00 17.76 9.39
CA PRO A 207 -56.96 16.91 9.97
C PRO A 207 -56.12 16.22 8.88
N GLY A 208 -55.04 15.56 9.30
CA GLY A 208 -54.19 14.87 8.35
C GLY A 208 -54.59 13.42 8.25
N VAL A 209 -54.29 12.79 7.12
CA VAL A 209 -54.62 11.39 6.88
C VAL A 209 -53.29 10.61 6.82
N TYR A 210 -53.17 9.56 7.65
CA TYR A 210 -51.95 8.76 7.74
C TYR A 210 -52.19 7.29 7.35
N THR A 211 -51.28 6.67 6.62
CA THR A 211 -51.46 5.26 6.24
C THR A 211 -51.45 4.45 7.53
N LYS A 212 -52.49 3.64 7.74
CA LYS A 212 -52.62 2.84 8.95
C LYS A 212 -51.75 1.61 8.86
N VAL A 213 -50.58 1.71 9.50
CA VAL A 213 -49.58 0.63 9.49
C VAL A 213 -50.15 -0.72 9.85
N PHE A 214 -51.01 -0.74 10.84
CA PHE A 214 -51.61 -1.99 11.29
C PHE A 214 -52.29 -2.77 10.17
N ASP A 215 -53.10 -2.10 9.38
CA ASP A 215 -53.80 -2.76 8.28
C ASP A 215 -52.86 -3.38 7.25
N TYR A 216 -51.61 -2.97 7.29
CA TYR A 216 -50.62 -3.48 6.36
C TYR A 216 -49.64 -4.46 7.00
N LEU A 217 -49.92 -4.92 8.23
CA LEU A 217 -49.00 -5.82 8.92
C LEU A 217 -48.71 -7.09 8.17
N ASP A 218 -49.75 -7.73 7.66
CA ASP A 218 -49.54 -8.96 6.92
C ASP A 218 -48.69 -8.70 5.71
N TRP A 219 -48.97 -7.60 5.01
CA TRP A 219 -48.18 -7.25 3.82
C TRP A 219 -46.70 -7.06 4.16
N ILE A 220 -46.44 -6.22 5.15
CA ILE A 220 -45.08 -5.94 5.58
C ILE A 220 -44.32 -7.21 5.91
N LYS A 221 -44.86 -8.04 6.80
CA LYS A 221 -44.19 -9.29 7.17
C LYS A 221 -43.99 -10.24 5.99
N SER A 222 -44.97 -10.35 5.11
CA SER A 222 -44.86 -11.22 3.94
C SER A 222 -43.74 -10.79 3.02
N ILE A 223 -43.69 -9.49 2.71
CA ILE A 223 -42.64 -8.93 1.85
C ILE A 223 -41.27 -9.14 2.51
N ILE A 224 -41.16 -8.79 3.80
CA ILE A 224 -39.92 -8.95 4.53
C ILE A 224 -39.47 -10.39 4.65
N ALA A 225 -40.40 -11.33 4.83
CA ALA A 225 -40.03 -12.75 4.93
C ALA A 225 -39.53 -13.32 3.60
N GLY A 226 -39.88 -12.69 2.50
CA GLY A 226 -39.46 -13.18 1.19
C GLY A 226 -40.54 -13.27 0.12
N ASN A 227 -41.81 -13.25 0.49
CA ASN A 227 -42.88 -13.33 -0.50
C ASN A 227 -43.17 -11.98 -1.10
N LYS A 228 -42.80 -11.81 -2.36
CA LYS A 228 -42.99 -10.55 -3.05
C LYS A 228 -44.30 -10.41 -3.84
N ASP A 229 -45.11 -11.46 -3.83
CA ASP A 229 -46.38 -11.43 -4.55
C ASP A 229 -47.49 -10.99 -3.63
N ALA A 230 -47.12 -10.66 -2.40
CA ALA A 230 -48.08 -10.23 -1.38
C ALA A 230 -48.82 -9.00 -1.83
N THR A 231 -50.15 -9.12 -1.81
CA THR A 231 -51.06 -8.06 -2.20
C THR A 231 -51.53 -7.37 -0.91
N CYS A 232 -51.83 -6.09 -1.02
CA CYS A 232 -52.26 -5.29 0.11
C CYS A 232 -53.77 -5.29 0.34
N PRO A 233 -54.19 -4.79 1.51
CA PRO A 233 -55.62 -4.70 1.83
C PRO A 233 -56.23 -3.67 0.88
N PRO A 234 -57.40 -3.97 0.29
CA PRO A 234 -58.01 -3.01 -0.63
C PRO A 234 -58.65 -1.84 0.12
N VAL B 1 46.70 2.38 -5.07
CA VAL B 1 45.51 2.42 -4.17
C VAL B 1 45.27 3.86 -3.72
N PHE B 2 44.04 4.31 -3.96
CA PHE B 2 43.59 5.66 -3.64
C PHE B 2 42.87 5.71 -2.29
N GLY B 3 43.33 6.55 -1.36
CA GLY B 3 42.68 6.66 -0.06
C GLY B 3 43.22 5.85 1.12
N GLY B 4 44.43 5.29 1.00
CA GLY B 4 45.00 4.52 2.08
C GLY B 4 46.33 5.05 2.61
N ASP B 5 47.23 4.13 2.91
CA ASP B 5 48.56 4.45 3.43
C ASP B 5 49.49 3.34 3.01
N GLU B 6 50.76 3.44 3.37
CA GLU B 6 51.75 2.41 3.01
C GLU B 6 51.43 1.17 3.81
N CYS B 7 51.52 0.01 3.19
CA CYS B 7 51.24 -1.23 3.89
C CYS B 7 52.34 -1.56 4.87
N ASN B 8 51.99 -2.29 5.92
CA ASN B 8 52.99 -2.71 6.88
C ASN B 8 53.83 -3.73 6.08
N ILE B 9 55.14 -3.74 6.29
CA ILE B 9 56.04 -4.64 5.56
C ILE B 9 55.72 -6.15 5.68
N ASN B 10 54.99 -6.54 6.72
CA ASN B 10 54.64 -7.95 6.95
C ASN B 10 53.19 -8.33 6.64
N GLU B 11 52.36 -7.36 6.27
CA GLU B 11 50.95 -7.64 5.98
C GLU B 11 50.61 -7.91 4.52
N HIS B 12 51.60 -8.17 3.69
CA HIS B 12 51.33 -8.42 2.29
C HIS B 12 52.29 -9.44 1.70
N ARG B 13 52.56 -10.50 2.44
CA ARG B 13 53.49 -11.54 2.01
C ARG B 13 53.09 -12.37 0.79
N SER B 14 51.82 -12.35 0.42
CA SER B 14 51.35 -13.11 -0.73
C SER B 14 51.30 -12.28 -2.02
N LEU B 15 51.52 -10.98 -1.86
CA LEU B 15 51.50 -10.02 -2.97
C LEU B 15 52.68 -10.22 -3.93
N VAL B 16 52.38 -10.56 -5.18
CA VAL B 16 53.36 -10.79 -6.24
C VAL B 16 53.40 -9.58 -7.16
N VAL B 17 54.49 -9.44 -7.90
CA VAL B 17 54.68 -8.33 -8.82
C VAL B 17 54.97 -8.91 -10.19
N LEU B 18 54.16 -8.57 -11.20
CA LEU B 18 54.44 -9.02 -12.56
C LEU B 18 55.01 -7.82 -13.31
N PHE B 19 56.16 -8.02 -13.96
CA PHE B 19 56.79 -6.94 -14.70
C PHE B 19 57.47 -7.53 -15.92
N ASN B 20 58.00 -6.67 -16.77
CA ASN B 20 58.70 -7.11 -17.97
C ASN B 20 59.70 -6.00 -18.33
N SER B 21 60.28 -6.08 -19.53
CA SER B 21 61.25 -5.09 -20.01
C SER B 21 60.71 -3.64 -20.03
N ASN B 22 59.40 -3.50 -20.25
CA ASN B 22 58.77 -2.19 -20.32
C ASN B 22 58.40 -1.71 -18.94
N GLY B 23 58.77 -2.50 -17.95
CA GLY B 23 58.49 -2.12 -16.58
C GLY B 23 57.39 -2.92 -15.91
N PHE B 24 56.81 -2.30 -14.90
CA PHE B 24 55.74 -2.86 -14.09
C PHE B 24 54.50 -3.15 -14.91
N LEU B 25 53.81 -4.24 -14.57
CA LEU B 25 52.58 -4.65 -15.24
C LEU B 25 51.35 -4.73 -14.31
N CYS B 26 51.44 -5.56 -13.28
CA CYS B 26 50.32 -5.77 -12.38
C CYS B 26 50.70 -6.42 -11.07
N GLY B 27 49.70 -6.64 -10.23
CA GLY B 27 49.91 -7.31 -8.96
C GLY B 27 49.46 -8.75 -9.17
N GLY B 28 49.62 -9.61 -8.16
CA GLY B 28 49.21 -11.01 -8.27
C GLY B 28 49.12 -11.65 -6.89
N THR B 29 48.73 -12.91 -6.81
CA THR B 29 48.62 -13.60 -5.52
C THR B 29 49.15 -15.04 -5.51
N LEU B 30 50.00 -15.33 -4.52
CA LEU B 30 50.59 -16.64 -4.38
C LEU B 30 49.58 -17.46 -3.57
N ILE B 31 49.04 -18.55 -4.16
CA ILE B 31 48.05 -19.42 -3.46
C ILE B 31 48.66 -20.68 -2.82
N ASN B 32 49.82 -21.08 -3.34
CA ASN B 32 50.60 -22.22 -2.87
C ASN B 32 52.01 -22.00 -3.41
N GLN B 33 52.92 -22.94 -3.20
CA GLN B 33 54.30 -22.74 -3.64
C GLN B 33 54.63 -22.83 -5.14
N ASP B 34 53.66 -23.21 -5.96
CA ASP B 34 53.85 -23.35 -7.40
C ASP B 34 52.92 -22.53 -8.30
N TRP B 35 51.88 -21.95 -7.73
CA TRP B 35 50.91 -21.19 -8.52
C TRP B 35 50.61 -19.76 -8.06
N VAL B 36 50.35 -18.90 -9.04
CA VAL B 36 50.01 -17.50 -8.81
C VAL B 36 48.73 -17.16 -9.56
N VAL B 37 47.79 -16.53 -8.86
CA VAL B 37 46.51 -16.14 -9.44
C VAL B 37 46.55 -14.64 -9.73
N THR B 38 46.10 -14.22 -10.90
CA THR B 38 46.06 -12.80 -11.23
C THR B 38 44.91 -12.51 -12.21
N ALA B 39 44.85 -11.30 -12.73
CA ALA B 39 43.79 -10.96 -13.67
C ALA B 39 44.24 -11.30 -15.09
N ALA B 40 43.29 -11.69 -15.92
CA ALA B 40 43.59 -12.06 -17.29
C ALA B 40 44.01 -10.87 -18.15
N HIS B 41 43.58 -9.66 -17.79
CA HIS B 41 43.95 -8.50 -18.59
C HIS B 41 45.40 -8.04 -18.35
N CYS B 42 46.07 -8.67 -17.39
CA CYS B 42 47.46 -8.39 -17.07
C CYS B 42 48.44 -9.19 -17.93
N ASP B 43 47.92 -9.99 -18.85
CA ASP B 43 48.79 -10.82 -19.69
C ASP B 43 49.68 -9.97 -20.56
N SER B 44 50.76 -10.60 -21.01
CA SER B 44 51.75 -9.96 -21.85
C SER B 44 52.58 -11.14 -22.33
N ASN B 45 53.12 -11.03 -23.54
CA ASN B 45 53.94 -12.09 -24.14
C ASN B 45 55.01 -12.60 -23.19
N ASN B 46 55.76 -11.66 -22.61
CA ASN B 46 56.83 -11.99 -21.69
C ASN B 46 56.75 -11.15 -20.45
N PHE B 47 56.96 -11.80 -19.32
CA PHE B 47 56.93 -11.09 -18.07
C PHE B 47 57.52 -12.01 -17.04
N GLN B 48 57.81 -11.45 -15.89
CA GLN B 48 58.38 -12.19 -14.78
C GLN B 48 57.61 -11.83 -13.53
N LEU B 49 57.84 -12.60 -12.47
CA LEU B 49 57.15 -12.40 -11.22
C LEU B 49 58.15 -12.27 -10.07
N LEU B 50 57.96 -11.24 -9.25
CA LEU B 50 58.80 -10.97 -8.11
C LEU B 50 58.06 -11.21 -6.80
N PHE B 51 58.68 -11.94 -5.86
CA PHE B 51 58.03 -12.21 -4.59
C PHE B 51 58.83 -11.55 -3.46
N GLY B 52 58.18 -11.31 -2.33
CA GLY B 52 58.86 -10.69 -1.19
C GLY B 52 59.26 -9.23 -1.37
N VAL B 53 58.54 -8.52 -2.23
CA VAL B 53 58.81 -7.11 -2.51
C VAL B 53 57.92 -6.16 -1.67
N HIS B 54 58.51 -5.05 -1.24
CA HIS B 54 57.81 -4.02 -0.49
C HIS B 54 58.27 -2.74 -1.18
N SER B 55 59.40 -2.19 -0.76
CA SER B 55 59.93 -0.96 -1.36
C SER B 55 60.71 -1.25 -2.63
N LYS B 56 60.42 -0.51 -3.69
CA LYS B 56 61.13 -0.66 -4.96
C LYS B 56 62.54 -0.04 -4.83
N LYS B 57 62.73 0.86 -3.86
CA LYS B 57 64.03 1.53 -3.64
C LYS B 57 64.95 0.75 -2.72
N ILE B 58 64.46 0.36 -1.57
CA ILE B 58 65.24 -0.40 -0.59
C ILE B 58 64.71 -1.83 -0.63
N LEU B 59 65.51 -2.71 -1.19
CA LEU B 59 65.11 -4.11 -1.35
C LEU B 59 65.23 -5.01 -0.13
N ASN B 60 64.35 -6.00 -0.07
CA ASN B 60 64.35 -6.98 0.99
C ASN B 60 65.41 -8.00 0.61
N GLU B 61 65.99 -8.68 1.59
CA GLU B 61 67.01 -9.65 1.28
C GLU B 61 66.50 -11.03 0.91
N ASP B 62 65.18 -11.24 1.04
CA ASP B 62 64.59 -12.54 0.74
C ASP B 62 63.71 -12.59 -0.50
N GLU B 63 63.90 -11.66 -1.43
CA GLU B 63 63.11 -11.59 -2.65
C GLU B 63 63.44 -12.74 -3.57
N GLN B 64 62.44 -13.21 -4.33
CA GLN B 64 62.58 -14.32 -5.26
C GLN B 64 62.04 -13.89 -6.63
N THR B 65 62.61 -14.43 -7.69
CA THR B 65 62.13 -14.13 -9.04
C THR B 65 61.88 -15.46 -9.75
N ARG B 66 60.76 -15.57 -10.45
CA ARG B 66 60.41 -16.77 -11.20
C ARG B 66 59.83 -16.38 -12.54
N ASP B 67 59.73 -17.34 -13.44
CA ASP B 67 59.17 -17.10 -14.76
C ASP B 67 57.92 -17.93 -14.94
N PRO B 68 56.97 -17.42 -15.75
CA PRO B 68 55.69 -18.10 -16.04
C PRO B 68 55.91 -19.32 -16.95
N LYS B 69 55.77 -20.52 -16.39
CA LYS B 69 55.95 -21.76 -17.13
C LYS B 69 54.69 -22.10 -17.91
N GLU B 70 53.52 -21.81 -17.34
CA GLU B 70 52.27 -22.08 -18.03
C GLU B 70 51.27 -21.05 -17.57
N LYS B 71 50.41 -20.62 -18.50
CA LYS B 71 49.36 -19.63 -18.20
C LYS B 71 48.04 -20.30 -18.56
N PHE B 72 47.00 -20.03 -17.77
CA PHE B 72 45.66 -20.61 -18.00
C PHE B 72 44.56 -19.56 -17.90
N PHE B 73 43.65 -19.58 -18.88
CA PHE B 73 42.50 -18.68 -18.97
C PHE B 73 41.23 -19.53 -19.14
N CYS B 74 40.06 -18.94 -18.86
CA CYS B 74 38.80 -19.65 -19.01
C CYS B 74 38.65 -19.95 -20.49
N PRO B 75 38.40 -21.22 -20.83
CA PRO B 75 38.24 -21.58 -22.24
C PRO B 75 37.12 -20.77 -22.85
N ASN B 76 36.02 -20.68 -22.10
CA ASN B 76 34.83 -19.96 -22.51
C ASN B 76 34.92 -18.48 -22.11
N ARG B 77 35.89 -17.78 -22.68
CA ARG B 77 36.08 -16.37 -22.38
C ARG B 77 35.75 -15.60 -23.63
N LYS B 78 35.24 -14.38 -23.47
CA LYS B 78 34.89 -13.54 -24.63
C LYS B 78 36.12 -12.88 -25.22
N LYS B 79 36.29 -13.04 -26.54
CA LYS B 79 37.44 -12.53 -27.29
C LYS B 79 37.78 -11.04 -27.14
N ASP B 80 36.83 -10.18 -27.51
CA ASP B 80 37.04 -8.73 -27.46
C ASP B 80 36.81 -8.04 -26.10
N ASP B 81 36.31 -8.78 -25.10
CA ASP B 81 36.06 -8.20 -23.77
C ASP B 81 37.30 -8.43 -22.88
N GLU B 82 38.06 -7.35 -22.66
CA GLU B 82 39.28 -7.36 -21.85
C GLU B 82 39.07 -7.80 -20.39
N VAL B 83 37.90 -7.50 -19.84
CA VAL B 83 37.61 -7.86 -18.45
C VAL B 83 36.58 -8.95 -18.21
N ASP B 84 36.22 -9.72 -19.23
CA ASP B 84 35.25 -10.80 -19.05
C ASP B 84 36.02 -11.96 -18.39
N LYS B 85 35.46 -12.56 -17.35
CA LYS B 85 36.14 -13.67 -16.67
C LYS B 85 37.61 -13.31 -16.42
N ASP B 86 37.79 -12.16 -15.78
CA ASP B 86 39.13 -11.63 -15.53
C ASP B 86 39.97 -12.38 -14.49
N ILE B 87 40.46 -13.55 -14.86
CA ILE B 87 41.27 -14.37 -13.96
C ILE B 87 42.23 -15.18 -14.83
N MET B 88 43.47 -15.33 -14.34
CA MET B 88 44.53 -16.08 -15.02
C MET B 88 45.37 -16.81 -13.99
N LEU B 89 45.62 -18.08 -14.26
CA LEU B 89 46.39 -18.95 -13.37
C LEU B 89 47.77 -19.13 -14.01
N ILE B 90 48.83 -18.91 -13.23
CA ILE B 90 50.22 -19.05 -13.70
C ILE B 90 50.96 -20.11 -12.88
N LYS B 91 51.56 -21.07 -13.56
CA LYS B 91 52.33 -22.13 -12.93
C LYS B 91 53.77 -21.64 -13.00
N LEU B 92 54.43 -21.53 -11.85
CA LEU B 92 55.81 -21.06 -11.79
C LEU B 92 56.78 -22.10 -12.34
N ASP B 93 57.88 -21.63 -12.92
CA ASP B 93 58.89 -22.57 -13.43
C ASP B 93 59.64 -23.33 -12.32
N SER B 94 59.57 -22.81 -11.10
CA SER B 94 60.26 -23.39 -9.96
C SER B 94 59.54 -22.93 -8.68
N SER B 95 59.36 -23.83 -7.71
CA SER B 95 58.67 -23.51 -6.45
C SER B 95 59.24 -22.35 -5.65
N VAL B 96 58.37 -21.68 -4.90
CA VAL B 96 58.76 -20.55 -4.06
C VAL B 96 58.51 -20.96 -2.62
N SER B 97 59.54 -20.91 -1.80
CA SER B 97 59.45 -21.27 -0.39
C SER B 97 59.13 -20.09 0.50
N ASN B 98 58.46 -20.37 1.61
CA ASN B 98 58.09 -19.33 2.56
C ASN B 98 59.35 -18.73 3.17
N SER B 99 59.28 -17.45 3.54
CA SER B 99 60.38 -16.73 4.16
C SER B 99 59.71 -15.55 4.87
N GLU B 100 60.49 -14.70 5.50
CA GLU B 100 59.93 -13.57 6.23
C GLU B 100 58.88 -12.74 5.47
N HIS B 101 59.12 -12.53 4.19
CA HIS B 101 58.22 -11.71 3.36
C HIS B 101 57.51 -12.45 2.23
N ILE B 102 57.49 -13.78 2.31
CA ILE B 102 56.81 -14.60 1.31
C ILE B 102 56.08 -15.76 2.02
N ALA B 103 54.77 -15.86 1.75
CA ALA B 103 53.89 -16.89 2.31
C ALA B 103 52.61 -16.87 1.47
N PRO B 104 52.03 -18.04 1.19
CA PRO B 104 50.81 -18.08 0.39
C PRO B 104 49.57 -17.67 1.14
N LEU B 105 48.52 -17.42 0.37
CA LEU B 105 47.21 -17.04 0.88
C LEU B 105 46.28 -18.20 0.54
N SER B 106 45.38 -18.51 1.46
CA SER B 106 44.42 -19.60 1.29
C SER B 106 43.18 -19.25 0.47
N LEU B 107 42.76 -20.22 -0.33
CA LEU B 107 41.56 -20.08 -1.14
C LEU B 107 40.34 -20.03 -0.17
N PRO B 108 39.24 -19.38 -0.58
CA PRO B 108 38.07 -19.31 0.29
C PRO B 108 37.32 -20.62 0.39
N SER B 109 36.55 -20.74 1.47
CA SER B 109 35.72 -21.92 1.72
C SER B 109 34.26 -21.50 1.57
N SER B 110 34.00 -20.20 1.66
CA SER B 110 32.67 -19.61 1.50
C SER B 110 32.86 -18.17 1.01
N PRO B 111 31.88 -17.61 0.29
CA PRO B 111 31.98 -16.23 -0.21
C PRO B 111 31.74 -15.22 0.89
N PRO B 112 32.34 -14.03 0.76
CA PRO B 112 32.18 -13.01 1.78
C PRO B 112 30.75 -12.52 1.83
N SER B 113 30.38 -11.88 2.93
CA SER B 113 29.04 -11.37 3.06
C SER B 113 29.06 -9.88 2.69
N VAL B 114 27.89 -9.35 2.39
CA VAL B 114 27.75 -7.94 2.06
C VAL B 114 28.00 -7.17 3.37
N GLY B 115 28.76 -6.09 3.28
CA GLY B 115 29.06 -5.31 4.47
C GLY B 115 30.36 -5.72 5.13
N SER B 116 31.02 -6.77 4.66
CA SER B 116 32.30 -7.22 5.21
C SER B 116 33.36 -6.18 4.91
N VAL B 117 34.32 -6.04 5.82
CA VAL B 117 35.43 -5.10 5.65
C VAL B 117 36.55 -5.94 5.01
N CYS B 118 37.14 -5.43 3.93
CA CYS B 118 38.21 -6.13 3.21
C CYS B 118 39.38 -5.18 2.94
N ARG B 119 40.59 -5.75 2.83
CA ARG B 119 41.82 -5.01 2.53
C ARG B 119 42.12 -5.07 1.02
N ILE B 120 42.51 -3.93 0.44
CA ILE B 120 42.95 -3.85 -0.97
C ILE B 120 44.40 -3.35 -0.88
N MET B 121 45.25 -3.75 -1.83
CA MET B 121 46.67 -3.40 -1.83
C MET B 121 47.33 -3.44 -3.21
N GLY B 122 48.32 -2.56 -3.43
CA GLY B 122 49.01 -2.53 -4.71
C GLY B 122 49.89 -1.30 -4.94
N TRP B 123 50.58 -1.28 -6.07
CA TRP B 123 51.46 -0.18 -6.42
C TRP B 123 50.83 0.73 -7.46
N GLY B 124 49.50 0.70 -7.56
CA GLY B 124 48.79 1.54 -8.51
C GLY B 124 48.70 2.98 -8.07
N LYS B 125 48.19 3.84 -8.96
CA LYS B 125 48.04 5.27 -8.66
C LYS B 125 47.50 5.55 -7.26
N THR B 126 47.98 6.62 -6.64
CA THR B 126 47.53 7.01 -5.30
C THR B 126 46.72 8.31 -5.33
N ILE B 127 46.78 8.97 -6.49
CA ILE B 127 46.08 10.22 -6.77
C ILE B 127 45.50 9.93 -8.16
N PRO B 128 44.16 9.84 -8.25
CA PRO B 128 43.37 9.55 -9.45
C PRO B 128 43.76 10.19 -10.77
N THR B 129 44.09 11.49 -10.74
CA THR B 129 44.47 12.22 -11.96
C THR B 129 45.97 12.13 -12.33
N LYS B 130 46.84 12.31 -11.33
CA LYS B 130 48.29 12.28 -11.50
C LYS B 130 48.93 10.91 -11.73
N GLU B 131 49.77 10.81 -12.77
CA GLU B 131 50.50 9.57 -13.10
C GLU B 131 51.70 9.45 -12.13
N ILE B 132 51.38 9.39 -10.84
CA ILE B 132 52.37 9.31 -9.75
C ILE B 132 52.20 7.94 -9.09
N TYR B 133 53.28 7.18 -8.96
CA TYR B 133 53.22 5.85 -8.37
C TYR B 133 54.06 5.62 -7.11
N PRO B 134 53.50 4.87 -6.16
CA PRO B 134 54.12 4.55 -4.88
C PRO B 134 55.38 3.75 -5.03
N ASP B 135 56.18 3.83 -3.98
CA ASP B 135 57.43 3.12 -3.95
C ASP B 135 57.21 1.85 -3.16
N VAL B 136 56.32 1.98 -2.18
CA VAL B 136 55.94 0.89 -1.32
C VAL B 136 54.44 0.74 -1.60
N PRO B 137 53.90 -0.48 -1.45
CA PRO B 137 52.47 -0.70 -1.71
C PRO B 137 51.57 0.00 -0.70
N HIS B 138 50.43 0.49 -1.18
CA HIS B 138 49.45 1.18 -0.33
C HIS B 138 48.29 0.23 -0.06
N CYS B 139 47.82 0.23 1.19
CA CYS B 139 46.72 -0.62 1.64
C CYS B 139 45.55 0.25 2.10
N ALA B 140 44.34 -0.30 2.08
CA ALA B 140 43.13 0.40 2.50
C ALA B 140 41.97 -0.59 2.73
N ASN B 141 41.06 -0.25 3.64
CA ASN B 141 39.92 -1.09 3.92
C ASN B 141 38.67 -0.57 3.19
N ILE B 142 38.00 -1.42 2.45
CA ILE B 142 36.78 -1.04 1.75
C ILE B 142 35.71 -2.00 2.20
N ASN B 143 34.46 -1.77 1.83
CA ASN B 143 33.40 -2.67 2.28
C ASN B 143 32.78 -3.37 1.10
N ILE B 144 32.31 -4.59 1.34
CA ILE B 144 31.62 -5.35 0.30
C ILE B 144 30.23 -4.73 0.20
N LEU B 145 29.86 -4.28 -0.98
CA LEU B 145 28.58 -3.64 -1.15
C LEU B 145 27.66 -4.57 -1.91
N ASP B 146 26.40 -4.16 -1.97
CA ASP B 146 25.36 -4.89 -2.67
C ASP B 146 25.73 -4.85 -4.14
N HIS B 147 25.86 -6.02 -4.76
CA HIS B 147 26.21 -6.14 -6.19
C HIS B 147 25.40 -5.22 -7.12
N ALA B 148 24.19 -4.89 -6.72
CA ALA B 148 23.32 -4.04 -7.53
C ALA B 148 23.83 -2.62 -7.70
N VAL B 149 24.57 -2.11 -6.71
CA VAL B 149 25.15 -0.76 -6.77
C VAL B 149 26.03 -0.68 -8.02
N CYS B 150 26.80 -1.73 -8.26
CA CYS B 150 27.67 -1.82 -9.42
C CYS B 150 26.84 -1.95 -10.67
N ARG B 151 25.86 -2.86 -10.65
CA ARG B 151 24.98 -3.10 -11.79
C ARG B 151 24.36 -1.79 -12.36
N THR B 152 23.80 -0.96 -11.49
CA THR B 152 23.20 0.30 -11.93
C THR B 152 24.25 1.35 -12.25
N ALA B 153 25.26 1.49 -11.39
CA ALA B 153 26.34 2.47 -11.60
C ALA B 153 26.99 2.35 -12.97
N TYR B 154 27.15 1.11 -13.43
CA TYR B 154 27.75 0.81 -14.72
C TYR B 154 26.70 0.25 -15.66
N SER B 155 25.59 0.97 -15.77
CA SER B 155 24.48 0.56 -16.63
C SER B 155 24.86 0.54 -18.13
N TRP B 156 26.00 1.15 -18.45
CA TRP B 156 26.50 1.24 -19.82
C TRP B 156 27.31 0.05 -20.38
N ARG B 157 27.32 -1.03 -19.60
CA ARG B 157 27.99 -2.30 -19.90
C ARG B 157 27.37 -3.25 -18.90
N GLN B 158 27.62 -4.55 -19.02
CA GLN B 158 27.00 -5.48 -18.07
C GLN B 158 27.90 -6.10 -17.00
N VAL B 159 27.55 -5.92 -15.73
CA VAL B 159 28.34 -6.47 -14.62
C VAL B 159 27.92 -7.92 -14.36
N ALA B 160 28.88 -8.84 -14.50
CA ALA B 160 28.66 -10.27 -14.31
C ALA B 160 28.36 -10.63 -12.85
N ASN B 161 27.67 -11.74 -12.64
CA ASN B 161 27.35 -12.15 -11.29
C ASN B 161 28.51 -12.74 -10.54
N THR B 162 29.56 -13.11 -11.28
CA THR B 162 30.75 -13.72 -10.70
C THR B 162 31.75 -12.67 -10.24
N THR B 163 31.25 -11.55 -9.70
CA THR B 163 32.11 -10.48 -9.23
C THR B 163 31.58 -9.86 -7.96
N LEU B 164 32.49 -9.26 -7.20
CA LEU B 164 32.15 -8.61 -5.96
C LEU B 164 32.17 -7.10 -6.22
N CYS B 165 31.21 -6.41 -5.66
CA CYS B 165 31.12 -4.96 -5.80
C CYS B 165 31.65 -4.47 -4.47
N ALA B 166 32.75 -3.74 -4.47
CA ALA B 166 33.31 -3.23 -3.21
C ALA B 166 33.90 -1.84 -3.34
N GLY B 167 33.84 -1.08 -2.26
CA GLY B 167 34.37 0.26 -2.28
C GLY B 167 33.77 0.98 -1.11
N ILE B 168 33.61 2.29 -1.26
CA ILE B 168 33.01 3.14 -0.25
C ILE B 168 31.95 3.86 -1.06
N LEU B 169 30.75 4.04 -0.51
CA LEU B 169 29.68 4.71 -1.26
C LEU B 169 29.94 6.14 -1.70
N GLN B 170 30.41 6.99 -0.77
CA GLN B 170 30.71 8.39 -1.08
C GLN B 170 32.05 8.60 -1.80
N GLY B 171 32.71 7.49 -2.14
CA GLY B 171 33.99 7.53 -2.83
C GLY B 171 35.14 7.78 -1.88
N GLY B 172 36.30 8.11 -2.45
CA GLY B 172 37.49 8.43 -1.66
C GLY B 172 38.41 7.27 -1.29
N ARG B 173 38.10 6.10 -1.83
CA ARG B 173 38.85 4.88 -1.58
C ARG B 173 38.47 3.90 -2.68
N ASP B 174 39.48 3.39 -3.37
CA ASP B 174 39.24 2.49 -4.49
C ASP B 174 40.60 2.05 -5.02
N THR B 175 40.61 1.04 -5.88
CA THR B 175 41.85 0.59 -6.51
C THR B 175 41.95 1.44 -7.76
N CYS B 176 43.13 1.55 -8.34
CA CYS B 176 43.33 2.38 -9.51
C CYS B 176 44.12 1.63 -10.57
N HIS B 177 44.45 2.33 -11.66
CA HIS B 177 45.22 1.74 -12.74
C HIS B 177 46.51 1.13 -12.16
N PHE B 178 46.90 -0.03 -12.69
CA PHE B 178 48.09 -0.76 -12.26
C PHE B 178 47.93 -1.48 -10.92
N ASP B 179 46.71 -1.43 -10.37
CA ASP B 179 46.40 -2.11 -9.12
C ASP B 179 45.79 -3.48 -9.45
N SER B 180 45.43 -3.70 -10.71
CA SER B 180 44.82 -4.94 -11.15
C SER B 180 45.55 -6.19 -10.73
N GLY B 181 44.87 -7.33 -10.75
CA GLY B 181 45.50 -8.59 -10.38
C GLY B 181 45.80 -8.80 -8.91
N GLY B 182 45.86 -7.72 -8.13
CA GLY B 182 46.14 -7.89 -6.72
C GLY B 182 44.96 -8.52 -6.02
N PRO B 183 45.12 -8.94 -4.75
CA PRO B 183 44.05 -9.57 -3.95
C PRO B 183 43.11 -8.68 -3.13
N LEU B 184 41.89 -9.17 -2.90
CA LEU B 184 40.88 -8.51 -2.05
C LEU B 184 40.79 -9.50 -0.87
N ILE B 185 41.26 -9.10 0.30
CA ILE B 185 41.26 -10.00 1.44
C ILE B 185 40.29 -9.60 2.54
N CYS B 186 39.36 -10.49 2.88
CA CYS B 186 38.36 -10.24 3.91
C CYS B 186 38.54 -11.29 5.00
N ASN B 187 38.99 -10.84 6.17
CA ASN B 187 39.25 -11.69 7.31
C ASN B 187 40.33 -12.72 7.02
N GLY B 188 41.38 -12.26 6.35
CA GLY B 188 42.49 -13.14 6.03
C GLY B 188 42.21 -14.08 4.89
N ILE B 189 40.98 -14.08 4.40
CA ILE B 189 40.61 -14.96 3.30
C ILE B 189 40.70 -14.25 1.97
N PHE B 190 41.27 -14.94 0.99
CA PHE B 190 41.42 -14.41 -0.36
C PHE B 190 40.03 -14.47 -1.01
N GLN B 191 39.39 -13.32 -1.22
CA GLN B 191 38.04 -13.28 -1.80
C GLN B 191 37.89 -12.72 -3.24
N GLY B 192 38.78 -11.83 -3.65
CA GLY B 192 38.65 -11.30 -4.99
C GLY B 192 39.94 -10.90 -5.66
N ILE B 193 39.85 -10.61 -6.96
CA ILE B 193 40.96 -10.17 -7.80
C ILE B 193 40.60 -8.78 -8.37
N VAL B 194 41.49 -7.79 -8.22
CA VAL B 194 41.22 -6.45 -8.75
C VAL B 194 41.07 -6.55 -10.26
N SER B 195 39.95 -6.05 -10.77
CA SER B 195 39.71 -6.11 -12.21
C SER B 195 39.45 -4.77 -12.87
N TRP B 196 38.33 -4.13 -12.52
CA TRP B 196 37.98 -2.86 -13.13
C TRP B 196 37.12 -1.94 -12.27
N GLY B 197 36.83 -0.75 -12.80
CA GLY B 197 36.03 0.25 -12.11
C GLY B 197 35.79 1.47 -12.99
N GLY B 198 35.57 2.62 -12.36
CA GLY B 198 35.33 3.85 -13.09
C GLY B 198 36.53 4.74 -13.34
N HIS B 199 36.36 5.73 -14.22
CA HIS B 199 37.42 6.69 -14.56
C HIS B 199 37.10 8.05 -13.95
N PRO B 200 37.87 8.49 -12.95
CA PRO B 200 39.02 7.77 -12.37
C PRO B 200 38.54 7.13 -11.05
N CYS B 201 39.38 6.29 -10.47
CA CYS B 201 39.04 5.65 -9.21
C CYS B 201 38.61 6.65 -8.13
N GLY B 202 37.80 6.19 -7.20
CA GLY B 202 37.39 7.03 -6.10
C GLY B 202 36.18 7.92 -6.26
N GLN B 203 35.66 8.10 -7.48
CA GLN B 203 34.47 8.94 -7.70
C GLN B 203 33.32 8.43 -6.83
N PRO B 204 32.54 9.33 -6.23
CA PRO B 204 31.44 8.84 -5.41
C PRO B 204 30.46 8.03 -6.27
N GLY B 205 29.90 6.97 -5.68
CA GLY B 205 28.93 6.15 -6.38
C GLY B 205 29.41 5.15 -7.41
N GLU B 206 30.71 5.10 -7.66
CA GLU B 206 31.25 4.16 -8.63
C GLU B 206 32.29 3.25 -7.98
N PRO B 207 31.86 2.11 -7.40
CA PRO B 207 32.68 1.11 -6.71
C PRO B 207 33.56 0.28 -7.63
N GLY B 208 34.41 -0.53 -7.01
CA GLY B 208 35.30 -1.38 -7.77
C GLY B 208 34.69 -2.74 -7.99
N VAL B 209 34.93 -3.28 -9.18
CA VAL B 209 34.41 -4.58 -9.56
C VAL B 209 35.59 -5.57 -9.52
N TYR B 210 35.50 -6.56 -8.62
CA TYR B 210 36.53 -7.57 -8.42
C TYR B 210 36.06 -8.95 -8.85
N THR B 211 36.95 -9.77 -9.38
CA THR B 211 36.59 -11.13 -9.79
C THR B 211 36.37 -11.99 -8.52
N LYS B 212 35.16 -12.53 -8.35
CA LYS B 212 34.78 -13.35 -7.19
C LYS B 212 35.44 -14.74 -7.18
N VAL B 213 36.48 -14.88 -6.36
CA VAL B 213 37.26 -16.11 -6.30
C VAL B 213 36.47 -17.35 -6.01
N PHE B 214 35.57 -17.27 -5.04
CA PHE B 214 34.77 -18.41 -4.67
C PHE B 214 34.11 -19.10 -5.86
N ASP B 215 33.59 -18.32 -6.80
CA ASP B 215 32.91 -18.88 -7.96
C ASP B 215 33.81 -19.67 -8.91
N TYR B 216 35.11 -19.48 -8.79
CA TYR B 216 36.06 -20.16 -9.64
C TYR B 216 36.82 -21.26 -8.89
N LEU B 217 36.43 -21.52 -7.64
CA LEU B 217 37.10 -22.54 -6.86
C LEU B 217 37.30 -23.84 -7.61
N ASP B 218 36.25 -24.34 -8.22
CA ASP B 218 36.32 -25.59 -8.96
C ASP B 218 37.27 -25.54 -10.14
N TRP B 219 37.15 -24.50 -10.95
CA TRP B 219 38.03 -24.37 -12.09
C TRP B 219 39.47 -24.33 -11.61
N ILE B 220 39.72 -23.52 -10.60
CA ILE B 220 41.07 -23.39 -10.05
C ILE B 220 41.62 -24.75 -9.64
N LYS B 221 40.89 -25.47 -8.79
CA LYS B 221 41.29 -26.81 -8.31
C LYS B 221 41.45 -27.83 -9.44
N SER B 222 40.55 -27.77 -10.42
CA SER B 222 40.65 -28.69 -11.54
C SER B 222 41.89 -28.39 -12.35
N ILE B 223 42.19 -27.11 -12.54
CA ILE B 223 43.37 -26.73 -13.33
C ILE B 223 44.66 -27.13 -12.67
N ILE B 224 44.79 -26.78 -11.38
CA ILE B 224 45.96 -27.09 -10.61
C ILE B 224 46.20 -28.58 -10.50
N ALA B 225 45.14 -29.35 -10.32
CA ALA B 225 45.24 -30.81 -10.21
C ALA B 225 45.65 -31.53 -11.52
N GLY B 226 45.38 -30.90 -12.67
CA GLY B 226 45.75 -31.52 -13.92
C GLY B 226 44.76 -31.45 -15.05
N ASN B 227 43.51 -31.14 -14.77
CA ASN B 227 42.51 -31.08 -15.84
C ASN B 227 42.54 -29.77 -16.63
N LYS B 228 43.40 -29.72 -17.63
CA LYS B 228 43.56 -28.55 -18.45
C LYS B 228 42.37 -28.20 -19.36
N ASP B 229 41.26 -28.93 -19.19
CA ASP B 229 40.05 -28.70 -19.98
C ASP B 229 38.96 -28.05 -19.16
N ALA B 230 39.17 -28.00 -17.84
CA ALA B 230 38.21 -27.42 -16.92
C ALA B 230 37.64 -26.15 -17.52
N THR B 231 36.32 -26.06 -17.51
CA THR B 231 35.64 -24.90 -18.03
C THR B 231 35.22 -23.99 -16.86
N CYS B 232 35.07 -22.71 -17.14
CA CYS B 232 34.71 -21.72 -16.12
C CYS B 232 33.24 -21.46 -15.99
N PRO B 233 32.81 -20.91 -14.85
CA PRO B 233 31.40 -20.61 -14.66
C PRO B 233 31.03 -19.45 -15.59
N PRO B 234 29.88 -19.58 -16.30
CA PRO B 234 29.38 -18.57 -17.23
C PRO B 234 28.80 -17.35 -16.53
N 0GJ C . -54.60 15.50 -2.30
CA 0GJ C . -53.40 16.24 -1.82
C 0GJ C . -52.23 15.27 -1.75
O 0GJ C . -52.41 14.08 -2.02
CB 0GJ C . -53.66 16.84 -0.43
CG 0GJ C . -52.76 18.00 -0.08
CD 0GJ C . -51.85 17.74 1.12
OE1 0GJ C . -51.28 16.63 1.21
OE2 0GJ C . -51.71 18.65 1.96
N1 0GJ C . -51.06 15.76 -1.38
CA1 0GJ C . -49.89 14.88 -1.29
C1 0GJ C . -48.66 15.44 -0.59
O1 0GJ C . -47.92 16.25 -1.19
N2 0GJ C . -48.37 15.00 0.64
CA2 0GJ C . -47.20 15.47 1.42
C2 0GJ C . -45.67 14.67 1.51
O2 0GJ C . -44.51 15.57 1.64
CB1 0GJ C . -47.61 15.72 2.89
CG1 0GJ C . -48.65 16.79 3.06
CD1 0GJ C . -49.28 16.74 4.43
NE 0GJ C . -50.28 17.80 4.59
CZ 0GJ C . -51.00 17.99 5.69
NH1 0GJ C . -50.84 17.18 6.74
NH2 0GJ C . -51.89 18.99 5.75
C3 0GJ C . -45.25 13.84 0.25
N 0GJ D . 35.98 -0.85 -18.36
CA 0GJ D . 37.29 -0.26 -17.98
C 0GJ D . 38.24 -1.42 -17.74
O 0GJ D . 37.88 -2.57 -18.04
CB 0GJ D . 37.15 0.57 -16.70
CG 0GJ D . 38.35 1.46 -16.38
CD 0GJ D . 38.79 1.35 -14.94
OE1 0GJ D . 39.01 0.21 -14.47
OE2 0GJ D . 38.91 2.40 -14.27
N1 0GJ D . 39.42 -1.15 -17.22
CA1 0GJ D . 40.39 -2.21 -16.96
C1 0GJ D . 41.61 -1.76 -16.15
O1 0GJ D . 42.39 -0.91 -16.60
N2 0GJ D . 41.79 -2.35 -14.97
CA2 0GJ D . 42.89 -2.02 -14.07
C2 0GJ D . 44.04 -3.06 -13.97
O2 0GJ D . 45.23 -2.39 -13.45
CB1 0GJ D . 42.34 -1.74 -12.67
CG1 0GJ D . 41.40 -0.57 -12.65
CD1 0GJ D . 40.61 -0.49 -11.35
NE 0GJ D . 39.81 0.73 -11.34
CZ 0GJ D . 39.05 1.13 -10.31
NH1 0GJ D . 38.97 0.41 -9.20
NH2 0GJ D . 38.39 2.29 -10.39
C3 0GJ D . 44.45 -3.68 -15.35
#